data_6WJ7
#
_entry.id   6WJ7
#
_cell.length_a   72.804
_cell.length_b   72.804
_cell.length_c   80.131
_cell.angle_alpha   90.00
_cell.angle_beta   90.00
_cell.angle_gamma   120.00
#
_symmetry.space_group_name_H-M   'P 31 2 1'
#
loop_
_entity.id
_entity.type
_entity.pdbx_description
1 polymer 'N-terminal Xaa-Pro-Lys N-methyltransferase 1'
2 polymer GLY-PRO-LYS-ARG-ILE-ALA-NH2
3 non-polymer "5'-{[(3S)-3-amino-3-carboxypropyl](ethyl)amino}-5'-deoxyadenosine"
4 water water
#
loop_
_entity_poly.entity_id
_entity_poly.type
_entity_poly.pdbx_seq_one_letter_code
_entity_poly.pdbx_strand_id
1 'polypeptide(L)'
;MGSSHHHHHHSSGLVPRGSTSEVIEDEKQFYSKAKTYWKQIPPTVDGMLGGYGHISSIDINSSRKFLQRFLREGPNKTGT
SCALDCGAGIGRITKRLLLPLFREVDMVDITEDFLVQAKTYLGEEGKRVRNYFCCGLQDFTPEPDSYDVIWIQWVIGHLT
DQHLAEFLRRCKGSLRPNGIIVIKDNMAQEGVILDDVDSSVCRDLDVVRRIICSAGLSLLAEERQENLPDEIYHVYSFAL
R
;
B
2 'polypeptide(L)' GPKRIA(NH2) A
#
# COMPACT_ATOMS: atom_id res chain seq x y z
N VAL A 23 -13.17 -2.40 -18.21
CA VAL A 23 -13.52 -1.41 -17.19
C VAL A 23 -12.72 -0.12 -17.38
N ILE A 24 -11.43 -0.26 -17.71
CA ILE A 24 -10.57 0.87 -17.99
C ILE A 24 -10.52 1.05 -19.50
N GLU A 25 -11.19 2.08 -19.99
CA GLU A 25 -11.29 2.29 -21.44
C GLU A 25 -10.02 2.92 -22.00
N ASP A 26 -9.53 3.99 -21.37
CA ASP A 26 -8.37 4.73 -21.83
C ASP A 26 -7.35 4.69 -20.70
N GLU A 27 -6.24 3.99 -20.94
CA GLU A 27 -5.25 3.80 -19.88
C GLU A 27 -4.54 5.09 -19.55
N LYS A 28 -4.21 5.90 -20.55
CA LYS A 28 -3.53 7.17 -20.28
C LYS A 28 -4.39 8.08 -19.42
N GLN A 29 -5.70 8.11 -19.68
CA GLN A 29 -6.60 8.93 -18.88
C GLN A 29 -6.84 8.34 -17.50
N PHE A 30 -6.80 7.02 -17.36
CA PHE A 30 -6.91 6.38 -16.05
C PHE A 30 -5.81 6.88 -15.12
N TYR A 31 -4.59 7.00 -15.64
CA TYR A 31 -3.49 7.46 -14.81
C TYR A 31 -3.49 8.98 -14.66
N SER A 32 -3.78 9.72 -15.72
CA SER A 32 -3.68 11.18 -15.62
C SER A 32 -4.78 11.75 -14.73
N LYS A 33 -5.98 11.16 -14.79
CA LYS A 33 -7.06 11.64 -13.92
C LYS A 33 -6.73 11.40 -12.45
N ALA A 34 -6.12 10.25 -12.14
CA ALA A 34 -5.76 10.00 -10.75
C ALA A 34 -4.68 10.96 -10.27
N LYS A 35 -3.71 11.26 -11.12
CA LYS A 35 -2.66 12.18 -10.70
C LYS A 35 -3.24 13.57 -10.41
N THR A 36 -4.14 14.03 -11.29
CA THR A 36 -4.80 15.30 -11.08
C THR A 36 -5.62 15.31 -9.80
N TYR A 37 -6.32 14.21 -9.51
CA TYR A 37 -7.13 14.15 -8.31
C TYR A 37 -6.24 14.31 -7.08
N TRP A 38 -5.17 13.53 -6.99
CA TRP A 38 -4.40 13.55 -5.77
C TRP A 38 -3.63 14.86 -5.58
N LYS A 39 -3.35 15.60 -6.66
CA LYS A 39 -2.61 16.86 -6.55
C LYS A 39 -3.35 17.92 -5.73
N GLN A 40 -4.68 17.85 -5.65
CA GLN A 40 -5.47 18.85 -4.94
C GLN A 40 -6.03 18.34 -3.61
N ILE A 41 -5.63 17.15 -3.16
CA ILE A 41 -6.10 16.63 -1.87
C ILE A 41 -5.23 17.22 -0.76
N PRO A 42 -5.80 17.61 0.39
CA PRO A 42 -4.97 18.17 1.47
C PRO A 42 -3.97 17.15 1.96
N PRO A 43 -2.70 17.56 2.24
CA PRO A 43 -1.69 16.61 2.75
C PRO A 43 -1.86 16.40 4.24
N THR A 44 -2.97 15.75 4.59
CA THR A 44 -3.35 15.47 5.97
C THR A 44 -3.89 14.05 6.05
N VAL A 45 -3.97 13.51 7.27
CA VAL A 45 -4.49 12.15 7.42
C VAL A 45 -5.92 12.04 6.88
N ASP A 46 -6.76 13.03 7.19
CA ASP A 46 -8.13 12.95 6.67
C ASP A 46 -8.15 13.10 5.15
N GLY A 47 -7.18 13.81 4.58
CA GLY A 47 -7.04 13.85 3.13
C GLY A 47 -6.61 12.51 2.55
N MET A 48 -5.63 11.84 3.18
CA MET A 48 -5.27 10.50 2.73
C MET A 48 -6.47 9.58 2.72
N LEU A 49 -7.29 9.61 3.77
CA LEU A 49 -8.31 8.60 3.96
C LEU A 49 -9.69 9.05 3.50
N GLY A 50 -9.79 10.18 2.80
CA GLY A 50 -11.06 10.58 2.21
C GLY A 50 -12.16 10.82 3.23
N GLY A 51 -11.81 11.44 4.35
CA GLY A 51 -12.79 11.69 5.40
C GLY A 51 -12.88 10.62 6.45
N TYR A 52 -12.11 9.53 6.30
CA TYR A 52 -12.08 8.44 7.25
C TYR A 52 -10.85 8.49 8.13
N GLY A 53 -10.34 9.68 8.43
CA GLY A 53 -9.24 9.80 9.36
C GLY A 53 -9.48 9.15 10.71
N HIS A 54 -10.74 9.07 11.12
CA HIS A 54 -11.11 8.51 12.42
C HIS A 54 -10.85 7.00 12.51
N ILE A 55 -10.56 6.31 11.40
CA ILE A 55 -10.21 4.89 11.45
C ILE A 55 -8.72 4.63 11.32
N SER A 56 -7.90 5.68 11.21
CA SER A 56 -6.48 5.49 10.92
C SER A 56 -5.80 4.59 11.95
N SER A 57 -6.04 4.85 13.24
CA SER A 57 -5.36 4.08 14.27
C SER A 57 -5.90 2.65 14.35
N ILE A 58 -7.20 2.47 14.12
CA ILE A 58 -7.76 1.11 14.05
C ILE A 58 -7.11 0.31 12.93
N ASP A 59 -6.95 0.96 11.76
CA ASP A 59 -6.24 0.35 10.63
C ASP A 59 -4.83 -0.07 11.03
N ILE A 60 -4.05 0.89 11.54
CA ILE A 60 -2.65 0.65 11.87
C ILE A 60 -2.49 -0.46 12.92
N ASN A 61 -3.37 -0.50 13.92
CA ASN A 61 -3.25 -1.53 14.96
C ASN A 61 -3.41 -2.93 14.39
N SER A 62 -4.37 -3.11 13.47
CA SER A 62 -4.55 -4.42 12.87
C SER A 62 -3.35 -4.77 11.99
N SER A 63 -2.85 -3.77 11.25
CA SER A 63 -1.69 -4.00 10.41
C SER A 63 -0.50 -4.47 11.24
N ARG A 64 -0.29 -3.84 12.40
CA ARG A 64 0.82 -4.20 13.25
C ARG A 64 0.69 -5.64 13.74
N LYS A 65 -0.52 -6.05 14.15
CA LYS A 65 -0.68 -7.44 14.60
C LYS A 65 -0.48 -8.43 13.46
N PHE A 66 -0.93 -8.07 12.25
CA PHE A 66 -0.76 -8.95 11.09
C PHE A 66 0.72 -9.12 10.75
N LEU A 67 1.49 -8.04 10.87
CA LEU A 67 2.89 -8.06 10.45
C LEU A 67 3.77 -8.71 11.50
N GLN A 68 3.44 -8.53 12.78
CA GLN A 68 4.39 -8.84 13.85
C GLN A 68 4.70 -10.33 13.90
N ARG A 69 3.76 -11.15 13.46
CA ARG A 69 3.98 -12.59 13.38
C ARG A 69 5.24 -12.94 12.60
N PHE A 70 5.45 -12.26 11.48
CA PHE A 70 6.56 -12.54 10.61
C PHE A 70 7.87 -12.04 11.17
N LEU A 71 7.83 -11.04 12.05
CA LEU A 71 9.04 -10.51 12.65
C LEU A 71 9.46 -11.24 13.92
N ARG A 72 8.63 -12.16 14.42
CA ARG A 72 9.00 -12.98 15.58
C ARG A 72 10.24 -13.82 15.28
N GLU A 73 11.06 -14.01 16.32
CA GLU A 73 12.35 -14.69 16.20
C GLU A 73 12.31 -15.91 15.29
N GLY A 74 11.41 -16.86 15.58
CA GLY A 74 11.07 -17.93 14.67
C GLY A 74 12.16 -18.46 13.77
N PRO A 75 11.82 -19.49 12.96
CA PRO A 75 12.83 -20.12 12.10
C PRO A 75 13.29 -19.26 10.93
N ASN A 76 12.36 -18.84 10.07
CA ASN A 76 12.72 -18.01 8.92
C ASN A 76 12.19 -16.59 9.10
N LYS A 77 12.64 -15.94 10.16
CA LYS A 77 12.16 -14.62 10.55
C LYS A 77 12.42 -13.58 9.46
N THR A 78 11.42 -12.74 9.22
CA THR A 78 11.60 -11.57 8.38
C THR A 78 12.42 -10.53 9.14
N GLY A 79 13.37 -9.89 8.43
CA GLY A 79 14.26 -8.95 9.07
C GLY A 79 13.59 -7.65 9.39
N THR A 80 14.32 -6.79 10.13
CA THR A 80 13.81 -5.49 10.55
C THR A 80 14.73 -4.35 10.14
N SER A 81 15.50 -4.53 9.07
CA SER A 81 16.45 -3.49 8.68
C SER A 81 15.81 -2.42 7.79
N CYS A 82 14.92 -2.80 6.87
CA CYS A 82 14.43 -1.81 5.91
C CYS A 82 13.06 -2.22 5.37
N ALA A 83 12.18 -1.24 5.24
CA ALA A 83 10.88 -1.45 4.62
C ALA A 83 10.66 -0.40 3.55
N LEU A 84 9.80 -0.73 2.59
CA LEU A 84 9.33 0.18 1.55
C LEU A 84 7.83 0.37 1.70
N ASP A 85 7.38 1.62 1.74
CA ASP A 85 5.97 1.97 1.86
C ASP A 85 5.54 2.51 0.49
N CYS A 86 4.67 1.76 -0.22
CA CYS A 86 4.25 2.08 -1.59
C CYS A 86 2.90 2.78 -1.61
N GLY A 87 2.81 3.91 -2.32
CA GLY A 87 1.63 4.73 -2.20
C GLY A 87 1.57 5.35 -0.83
N ALA A 88 2.72 5.76 -0.30
CA ALA A 88 2.85 6.11 1.11
C ALA A 88 2.15 7.41 1.49
N GLY A 89 1.85 8.26 0.53
CA GLY A 89 1.26 9.55 0.87
C GLY A 89 2.18 10.39 1.73
N ILE A 90 1.58 11.01 2.75
CA ILE A 90 2.35 11.84 3.68
C ILE A 90 3.08 11.00 4.70
N GLY A 91 2.93 9.68 4.67
CA GLY A 91 3.59 8.85 5.66
C GLY A 91 2.73 8.42 6.85
N ARG A 92 1.42 8.35 6.68
CA ARG A 92 0.55 7.89 7.77
C ARG A 92 0.99 6.51 8.28
N ILE A 93 1.24 5.58 7.36
CA ILE A 93 1.66 4.23 7.74
C ILE A 93 3.13 4.21 8.11
N THR A 94 3.97 4.93 7.37
CA THR A 94 5.40 5.00 7.71
C THR A 94 5.59 5.47 9.15
N LYS A 95 4.81 6.47 9.57
CA LYS A 95 5.01 7.06 10.89
C LYS A 95 4.64 6.08 12.00
N ARG A 96 3.47 5.44 11.91
CA ARG A 96 2.97 4.72 13.07
C ARG A 96 3.04 3.21 12.96
N LEU A 97 3.22 2.64 11.77
CA LEU A 97 3.42 1.20 11.61
C LEU A 97 4.89 0.89 11.35
N LEU A 98 5.49 1.53 10.35
CA LEU A 98 6.78 1.01 9.85
C LEU A 98 8.00 1.57 10.59
N LEU A 99 8.09 2.88 10.84
CA LEU A 99 9.26 3.42 11.53
C LEU A 99 9.47 2.79 12.89
N PRO A 100 8.43 2.47 13.69
CA PRO A 100 8.70 1.84 14.98
C PRO A 100 9.25 0.43 14.89
N LEU A 101 9.11 -0.25 13.74
CA LEU A 101 9.52 -1.64 13.58
C LEU A 101 10.77 -1.86 12.72
N PHE A 102 11.14 -0.93 11.84
CA PHE A 102 12.24 -1.11 10.90
C PHE A 102 13.25 0.02 11.10
N ARG A 103 14.54 -0.32 10.96
CA ARG A 103 15.56 0.69 11.21
C ARG A 103 15.44 1.84 10.20
N GLU A 104 15.20 1.52 8.94
CA GLU A 104 15.09 2.51 7.90
C GLU A 104 13.85 2.21 7.07
N VAL A 105 13.25 3.25 6.52
CA VAL A 105 12.10 3.11 5.63
C VAL A 105 12.31 3.97 4.39
N ASP A 106 11.95 3.43 3.22
CA ASP A 106 11.83 4.23 2.00
C ASP A 106 10.36 4.41 1.68
N MET A 107 10.01 5.54 1.06
CA MET A 107 8.63 5.82 0.66
C MET A 107 8.59 6.02 -0.84
N VAL A 108 7.50 5.60 -1.48
CA VAL A 108 7.28 5.94 -2.89
C VAL A 108 5.85 6.39 -3.07
N ASP A 109 5.67 7.53 -3.75
CA ASP A 109 4.32 8.01 -4.04
C ASP A 109 4.38 8.89 -5.27
N ILE A 110 3.26 8.98 -5.99
CA ILE A 110 3.20 9.83 -7.18
C ILE A 110 3.03 11.32 -6.83
N THR A 111 2.55 11.67 -5.64
CA THR A 111 2.08 13.03 -5.39
C THR A 111 3.17 13.81 -4.67
N GLU A 112 3.78 14.74 -5.39
CA GLU A 112 4.90 15.52 -4.85
C GLU A 112 4.51 16.23 -3.56
N ASP A 113 3.30 16.79 -3.49
CA ASP A 113 2.93 17.56 -2.30
C ASP A 113 2.91 16.68 -1.05
N PHE A 114 2.61 15.39 -1.22
CA PHE A 114 2.59 14.51 -0.05
C PHE A 114 3.99 14.18 0.42
N LEU A 115 4.91 13.93 -0.51
CA LEU A 115 6.29 13.65 -0.09
C LEU A 115 6.91 14.86 0.57
N VAL A 116 6.61 16.07 0.08
CA VAL A 116 7.12 17.28 0.74
C VAL A 116 6.56 17.38 2.16
N GLN A 117 5.25 17.17 2.30
CA GLN A 117 4.66 17.28 3.62
C GLN A 117 5.16 16.19 4.56
N ALA A 118 5.50 15.01 4.03
CA ALA A 118 5.95 13.90 4.87
C ALA A 118 7.13 14.31 5.74
N LYS A 119 8.05 15.09 5.18
CA LYS A 119 9.21 15.53 5.96
C LYS A 119 8.79 16.21 7.26
N THR A 120 7.70 16.96 7.22
CA THR A 120 7.18 17.60 8.42
C THR A 120 6.31 16.66 9.24
N TYR A 121 5.39 15.93 8.58
CA TYR A 121 4.47 15.04 9.28
C TYR A 121 5.20 13.97 10.09
N LEU A 122 6.28 13.41 9.53
CA LEU A 122 6.96 12.32 10.21
C LEU A 122 7.73 12.78 11.43
N GLY A 123 8.02 14.07 11.56
CA GLY A 123 8.70 14.56 12.76
C GLY A 123 10.08 13.95 12.95
N GLU A 124 10.47 13.82 14.24
CA GLU A 124 11.84 13.39 14.57
C GLU A 124 12.19 12.01 14.03
N GLU A 125 11.27 11.05 14.14
CA GLU A 125 11.65 9.71 13.67
C GLU A 125 11.70 9.63 12.15
N GLY A 126 11.12 10.62 11.45
CA GLY A 126 11.31 10.76 10.03
C GLY A 126 12.75 10.92 9.58
N LYS A 127 13.67 11.22 10.51
CA LYS A 127 15.08 11.22 10.15
C LYS A 127 15.55 9.86 9.65
N ARG A 128 14.84 8.79 9.95
CA ARG A 128 15.17 7.44 9.49
C ARG A 128 14.51 7.06 8.17
N VAL A 129 13.81 7.98 7.51
CA VAL A 129 13.37 7.75 6.14
C VAL A 129 14.53 8.09 5.23
N ARG A 130 14.93 7.13 4.41
CA ARG A 130 16.12 7.24 3.57
C ARG A 130 15.76 7.93 2.24
N ASN A 131 14.94 7.28 1.43
CA ASN A 131 14.55 7.80 0.12
C ASN A 131 13.08 8.17 0.11
N TYR A 132 12.77 9.32 -0.51
CA TYR A 132 11.41 9.75 -0.83
C TYR A 132 11.19 9.70 -2.34
N PHE A 133 10.91 8.52 -2.86
CA PHE A 133 10.83 8.32 -4.31
C PHE A 133 9.51 8.87 -4.83
N CYS A 134 9.58 9.68 -5.88
CA CYS A 134 8.39 10.25 -6.52
C CYS A 134 8.24 9.55 -7.87
N CYS A 135 7.31 8.60 -7.90
CA CYS A 135 7.16 7.72 -9.05
C CYS A 135 5.80 7.05 -8.98
N GLY A 136 5.17 6.83 -10.13
CA GLY A 136 4.03 5.92 -10.16
C GLY A 136 4.52 4.49 -10.03
N LEU A 137 3.79 3.68 -9.27
CA LEU A 137 4.25 2.29 -9.11
C LEU A 137 4.41 1.59 -10.45
N GLN A 138 3.59 1.97 -11.44
CA GLN A 138 3.66 1.34 -12.77
C GLN A 138 4.99 1.63 -13.47
N ASP A 139 5.74 2.63 -13.01
CA ASP A 139 7.04 3.01 -13.55
C ASP A 139 8.20 2.78 -12.59
N PHE A 140 7.94 2.22 -11.41
CA PHE A 140 8.92 2.17 -10.33
C PHE A 140 9.55 0.78 -10.25
N THR A 141 10.87 0.72 -10.12
CA THR A 141 11.61 -0.54 -9.88
C THR A 141 12.31 -0.46 -8.54
N PRO A 142 11.83 -1.16 -7.51
CA PRO A 142 12.56 -1.21 -6.24
C PRO A 142 13.89 -1.92 -6.43
N GLU A 143 14.90 -1.46 -5.69
CA GLU A 143 16.27 -1.94 -5.91
C GLU A 143 16.42 -3.39 -5.42
N PRO A 144 17.16 -4.24 -6.14
CA PRO A 144 17.27 -5.63 -5.73
C PRO A 144 17.83 -5.79 -4.32
N ASP A 145 17.32 -6.80 -3.62
CA ASP A 145 17.80 -7.25 -2.31
C ASP A 145 17.90 -6.10 -1.30
N SER A 146 16.82 -5.35 -1.21
CA SER A 146 16.81 -4.12 -0.44
C SER A 146 15.85 -4.12 0.75
N TYR A 147 14.74 -4.83 0.68
CA TYR A 147 13.64 -4.64 1.62
C TYR A 147 13.27 -5.93 2.35
N ASP A 148 13.13 -5.83 3.67
CA ASP A 148 12.54 -6.93 4.44
C ASP A 148 11.03 -6.97 4.30
N VAL A 149 10.37 -5.82 4.20
CA VAL A 149 8.92 -5.75 4.01
C VAL A 149 8.64 -4.68 2.98
N ILE A 150 7.77 -4.99 2.03
CA ILE A 150 7.23 -4.02 1.08
C ILE A 150 5.74 -3.91 1.39
N TRP A 151 5.29 -2.73 1.80
CA TRP A 151 3.91 -2.52 2.25
C TRP A 151 3.19 -1.78 1.15
N ILE A 152 2.06 -2.33 0.68
CA ILE A 152 1.32 -1.77 -0.45
C ILE A 152 -0.14 -1.62 -0.01
N GLN A 153 -0.51 -0.45 0.47
CA GLN A 153 -1.83 -0.28 1.08
C GLN A 153 -2.64 0.79 0.37
N TRP A 154 -3.85 0.43 -0.06
CA TRP A 154 -4.81 1.38 -0.61
C TRP A 154 -4.27 2.07 -1.85
N VAL A 155 -3.49 1.34 -2.65
CA VAL A 155 -2.97 1.88 -3.90
C VAL A 155 -3.08 0.91 -5.07
N ILE A 156 -3.31 -0.39 -4.89
CA ILE A 156 -3.33 -1.30 -6.05
C ILE A 156 -4.45 -0.95 -7.03
N GLY A 157 -5.52 -0.31 -6.57
CA GLY A 157 -6.60 0.11 -7.46
C GLY A 157 -6.21 1.22 -8.41
N HIS A 158 -5.06 1.82 -8.23
CA HIS A 158 -4.59 2.86 -9.16
C HIS A 158 -3.72 2.29 -10.26
N LEU A 159 -3.53 0.97 -10.33
CA LEU A 159 -2.78 0.35 -11.42
C LEU A 159 -3.70 -0.52 -12.27
N THR A 160 -3.40 -0.61 -13.57
CA THR A 160 -4.08 -1.59 -14.39
C THR A 160 -3.69 -3.01 -13.95
N ASP A 161 -4.49 -4.00 -14.36
CA ASP A 161 -4.21 -5.38 -13.95
C ASP A 161 -2.82 -5.82 -14.38
N GLN A 162 -2.43 -5.49 -15.63
CA GLN A 162 -1.13 -5.92 -16.11
C GLN A 162 0.01 -5.19 -15.39
N HIS A 163 -0.15 -3.87 -15.19
CA HIS A 163 0.87 -3.12 -14.47
C HIS A 163 0.98 -3.57 -13.03
N LEU A 164 -0.14 -3.94 -12.41
CA LEU A 164 -0.06 -4.45 -11.05
C LEU A 164 0.73 -5.76 -10.99
N ALA A 165 0.42 -6.70 -11.88
CA ALA A 165 1.17 -7.95 -11.91
C ALA A 165 2.65 -7.71 -12.16
N GLU A 166 2.98 -6.82 -13.11
CA GLU A 166 4.39 -6.54 -13.38
C GLU A 166 5.06 -5.87 -12.18
N PHE A 167 4.38 -4.92 -11.53
CA PHE A 167 4.98 -4.28 -10.37
C PHE A 167 5.25 -5.30 -9.26
N LEU A 168 4.28 -6.16 -8.97
CA LEU A 168 4.49 -7.16 -7.94
C LEU A 168 5.70 -8.05 -8.25
N ARG A 169 5.93 -8.39 -9.53
CA ARG A 169 7.12 -9.17 -9.89
C ARG A 169 8.41 -8.40 -9.60
N ARG A 170 8.41 -7.10 -9.87
CA ARG A 170 9.59 -6.30 -9.56
C ARG A 170 9.80 -6.23 -8.05
N CYS A 171 8.71 -6.16 -7.28
CA CYS A 171 8.84 -6.14 -5.83
C CYS A 171 9.46 -7.42 -5.32
N LYS A 172 9.08 -8.57 -5.91
CA LYS A 172 9.64 -9.84 -5.48
C LYS A 172 11.16 -9.83 -5.60
N GLY A 173 11.70 -9.21 -6.67
CA GLY A 173 13.13 -9.15 -6.85
C GLY A 173 13.84 -8.25 -5.87
N SER A 174 13.13 -7.37 -5.18
CA SER A 174 13.79 -6.45 -4.26
C SER A 174 13.73 -6.93 -2.81
N LEU A 175 13.17 -8.11 -2.54
CA LEU A 175 13.07 -8.62 -1.18
C LEU A 175 14.39 -9.23 -0.71
N ARG A 176 14.74 -8.94 0.53
CA ARG A 176 15.83 -9.60 1.23
C ARG A 176 15.40 -11.03 1.57
N PRO A 177 16.33 -11.89 2.02
CA PRO A 177 15.93 -13.23 2.46
C PRO A 177 14.88 -13.19 3.55
N ASN A 178 13.85 -14.01 3.38
CA ASN A 178 12.69 -14.11 4.26
C ASN A 178 11.79 -12.88 4.19
N GLY A 179 12.02 -11.98 3.26
CA GLY A 179 11.21 -10.78 3.16
C GLY A 179 9.82 -11.11 2.65
N ILE A 180 8.89 -10.17 2.88
CA ILE A 180 7.50 -10.35 2.47
C ILE A 180 6.99 -9.06 1.83
N ILE A 181 5.98 -9.23 0.98
CA ILE A 181 5.14 -8.15 0.47
C ILE A 181 3.81 -8.25 1.18
N VAL A 182 3.27 -7.12 1.62
CA VAL A 182 1.93 -7.08 2.19
C VAL A 182 1.09 -6.17 1.32
N ILE A 183 -0.05 -6.65 0.88
CA ILE A 183 -1.08 -5.85 0.22
C ILE A 183 -2.24 -5.70 1.18
N LYS A 184 -2.72 -4.47 1.38
CA LYS A 184 -3.93 -4.26 2.19
C LYS A 184 -4.82 -3.32 1.39
N ASP A 185 -6.02 -3.77 1.05
CA ASP A 185 -6.86 -2.93 0.18
C ASP A 185 -8.33 -3.30 0.28
N ASN A 186 -9.16 -2.47 -0.37
CA ASN A 186 -10.60 -2.66 -0.44
C ASN A 186 -10.93 -3.73 -1.46
N MET A 187 -11.92 -4.57 -1.13
CA MET A 187 -12.37 -5.61 -2.06
C MET A 187 -13.81 -5.31 -2.47
N ALA A 188 -14.10 -5.41 -3.77
CA ALA A 188 -15.48 -5.26 -4.23
C ALA A 188 -16.26 -6.56 -3.98
N GLN A 189 -17.58 -6.43 -3.92
CA GLN A 189 -18.40 -7.64 -3.79
C GLN A 189 -18.23 -8.56 -4.99
N GLU A 190 -18.26 -8.01 -6.20
CA GLU A 190 -18.18 -8.84 -7.39
C GLU A 190 -17.65 -8.02 -8.56
N GLY A 191 -16.72 -8.59 -9.30
CA GLY A 191 -16.22 -7.95 -10.50
C GLY A 191 -15.24 -6.83 -10.19
N VAL A 192 -15.22 -5.84 -11.07
CA VAL A 192 -14.34 -4.69 -10.96
C VAL A 192 -15.16 -3.42 -11.15
N ILE A 193 -15.04 -2.49 -10.21
CA ILE A 193 -15.83 -1.26 -10.15
C ILE A 193 -14.87 -0.07 -10.31
N LEU A 194 -15.12 0.76 -11.33
CA LEU A 194 -14.33 1.96 -11.51
C LEU A 194 -14.93 3.11 -10.71
N ASP A 195 -14.09 3.79 -9.93
CA ASP A 195 -14.46 5.02 -9.22
C ASP A 195 -14.04 6.19 -10.09
N ASP A 196 -15.03 6.94 -10.61
CA ASP A 196 -14.75 8.07 -11.48
C ASP A 196 -14.27 9.30 -10.74
N VAL A 197 -14.40 9.35 -9.42
CA VAL A 197 -13.95 10.53 -8.69
C VAL A 197 -12.43 10.56 -8.60
N ASP A 198 -11.82 9.46 -8.16
CA ASP A 198 -10.38 9.43 -8.00
C ASP A 198 -9.65 8.62 -9.07
N SER A 199 -10.38 8.03 -10.03
CA SER A 199 -9.80 7.26 -11.13
C SER A 199 -9.01 6.05 -10.61
N SER A 200 -9.74 5.15 -9.93
CA SER A 200 -9.19 3.91 -9.38
C SER A 200 -10.23 2.81 -9.59
N VAL A 201 -9.77 1.55 -9.52
CA VAL A 201 -10.68 0.40 -9.61
C VAL A 201 -10.69 -0.32 -8.27
N CYS A 202 -11.84 -0.85 -7.91
CA CYS A 202 -11.97 -1.76 -6.77
C CYS A 202 -12.29 -3.13 -7.33
N ARG A 203 -11.46 -4.11 -7.03
CA ARG A 203 -11.56 -5.46 -7.59
C ARG A 203 -12.08 -6.44 -6.53
N ASP A 204 -12.78 -7.47 -6.98
CA ASP A 204 -13.22 -8.48 -6.03
C ASP A 204 -12.05 -9.37 -5.58
N LEU A 205 -12.29 -10.10 -4.49
CA LEU A 205 -11.23 -10.92 -3.89
C LEU A 205 -10.68 -11.93 -4.87
N ASP A 206 -11.54 -12.55 -5.68
CA ASP A 206 -11.06 -13.58 -6.59
C ASP A 206 -10.15 -12.98 -7.66
N VAL A 207 -10.49 -11.78 -8.15
CA VAL A 207 -9.63 -11.08 -9.11
C VAL A 207 -8.28 -10.76 -8.48
N VAL A 208 -8.28 -10.22 -7.25
CA VAL A 208 -7.03 -9.86 -6.61
C VAL A 208 -6.15 -11.08 -6.40
N ARG A 209 -6.74 -12.18 -5.89
CA ARG A 209 -5.97 -13.40 -5.67
C ARG A 209 -5.38 -13.91 -6.98
N ARG A 210 -6.13 -13.77 -8.08
CA ARG A 210 -5.63 -14.22 -9.39
C ARG A 210 -4.42 -13.41 -9.84
N ILE A 211 -4.47 -12.08 -9.67
CA ILE A 211 -3.36 -11.24 -10.06
C ILE A 211 -2.12 -11.52 -9.21
N ILE A 212 -2.31 -11.70 -7.90
CA ILE A 212 -1.21 -12.10 -7.00
C ILE A 212 -0.58 -13.40 -7.46
N CYS A 213 -1.40 -14.41 -7.74
CA CYS A 213 -0.85 -15.68 -8.18
C CYS A 213 -0.07 -15.51 -9.46
N SER A 214 -0.60 -14.70 -10.39
CA SER A 214 0.06 -14.53 -11.68
C SER A 214 1.46 -13.94 -11.55
N ALA A 215 1.70 -13.15 -10.49
CA ALA A 215 3.02 -12.60 -10.20
C ALA A 215 4.00 -13.63 -9.65
N GLY A 216 3.58 -14.87 -9.45
CA GLY A 216 4.46 -15.87 -8.89
C GLY A 216 4.68 -15.71 -7.41
N LEU A 217 3.73 -15.14 -6.69
CA LEU A 217 3.81 -14.96 -5.25
C LEU A 217 2.96 -16.01 -4.55
N SER A 218 3.49 -16.55 -3.45
CA SER A 218 2.77 -17.46 -2.59
C SER A 218 2.06 -16.69 -1.50
N LEU A 219 0.85 -17.09 -1.18
CA LEU A 219 0.06 -16.47 -0.13
C LEU A 219 0.38 -17.11 1.23
N LEU A 220 0.92 -16.33 2.15
CA LEU A 220 1.35 -16.79 3.48
C LEU A 220 0.34 -16.51 4.58
N ALA A 221 -0.43 -15.44 4.46
CA ALA A 221 -1.42 -15.10 5.47
C ALA A 221 -2.44 -14.22 4.79
N GLU A 222 -3.66 -14.22 5.32
CA GLU A 222 -4.77 -13.46 4.75
C GLU A 222 -5.74 -13.15 5.88
N GLU A 223 -6.25 -11.92 5.92
CA GLU A 223 -7.13 -11.53 7.01
C GLU A 223 -8.07 -10.44 6.52
N ARG A 224 -9.36 -10.59 6.81
CA ARG A 224 -10.34 -9.53 6.63
C ARG A 224 -10.35 -8.67 7.88
N GLN A 225 -10.24 -7.35 7.71
CA GLN A 225 -10.19 -6.49 8.87
C GLN A 225 -11.56 -6.32 9.54
N GLU A 226 -11.56 -6.38 10.88
CA GLU A 226 -12.74 -6.23 11.71
C GLU A 226 -12.88 -4.81 12.25
N ASN A 227 -14.07 -4.52 12.75
CA ASN A 227 -14.36 -3.30 13.49
C ASN A 227 -14.18 -2.03 12.69
N LEU A 228 -14.22 -2.12 11.37
CA LEU A 228 -14.33 -0.92 10.56
C LEU A 228 -15.79 -0.54 10.39
N PRO A 229 -16.06 0.68 9.90
CA PRO A 229 -17.44 1.14 9.73
C PRO A 229 -18.28 0.25 8.83
N ASP A 230 -19.57 0.14 9.19
CA ASP A 230 -20.52 -0.67 8.43
C ASP A 230 -20.51 -0.31 6.95
N GLU A 231 -20.36 0.96 6.61
CA GLU A 231 -20.71 1.48 5.30
C GLU A 231 -19.58 1.41 4.26
N ILE A 232 -18.40 0.87 4.60
CA ILE A 232 -17.29 0.82 3.66
C ILE A 232 -17.12 -0.60 3.13
N TYR A 233 -16.43 -0.71 2.01
CA TYR A 233 -16.09 -2.02 1.46
C TYR A 233 -15.22 -2.80 2.44
N HIS A 234 -15.30 -4.14 2.36
CA HIS A 234 -14.42 -4.96 3.16
C HIS A 234 -12.96 -4.69 2.80
N VAL A 235 -12.09 -4.83 3.80
CA VAL A 235 -10.67 -4.60 3.64
C VAL A 235 -9.96 -5.91 3.96
N TYR A 236 -9.08 -6.34 3.06
CA TYR A 236 -8.29 -7.55 3.24
C TYR A 236 -6.81 -7.22 3.22
N SER A 237 -6.07 -7.98 4.03
CA SER A 237 -4.61 -7.97 4.05
C SER A 237 -4.09 -9.31 3.56
N PHE A 238 -3.00 -9.28 2.79
CA PHE A 238 -2.37 -10.48 2.22
C PHE A 238 -0.88 -10.38 2.45
N ALA A 239 -0.26 -11.43 3.02
CA ALA A 239 1.20 -11.47 3.14
C ALA A 239 1.71 -12.45 2.13
N LEU A 240 2.72 -12.06 1.35
CA LEU A 240 3.11 -12.75 0.14
C LEU A 240 4.63 -12.88 0.08
N ARG A 241 5.12 -13.95 -0.54
CA ARG A 241 6.52 -13.92 -0.97
C ARG A 241 6.78 -14.87 -2.14
N GLY B 1 -7.37 5.20 0.47
CA GLY B 1 -8.14 5.00 1.72
C GLY B 1 -9.33 4.11 1.37
N PRO B 2 -10.23 3.92 2.48
CA PRO B 2 -11.32 3.16 2.41
C PRO B 2 -12.33 3.90 1.55
N LYS B 3 -13.40 3.01 1.07
CA LYS B 3 -14.41 3.61 0.21
C LYS B 3 -15.79 3.20 0.69
N ARG B 4 -16.81 4.28 0.64
CA ARG B 4 -18.16 3.99 1.04
C ARG B 4 -18.70 3.12 -0.11
N ILE B 5 -19.56 1.98 0.25
CA ILE B 5 -20.08 1.14 -0.84
C ILE B 5 -20.94 2.06 -1.73
N ALA B 6 -20.59 2.09 -3.21
CA ALA B 6 -21.26 2.95 -4.21
C ALA B 6 -22.79 2.75 -4.31
#